data_1XM7
#
_entry.id   1XM7
#
_cell.length_a   83.582
_cell.length_b   94.596
_cell.length_c   67.890
_cell.angle_alpha   90.00
_cell.angle_beta   90.00
_cell.angle_gamma   90.00
#
_symmetry.space_group_name_H-M   'P 21 21 2'
#
loop_
_entity.id
_entity.type
_entity.pdbx_description
1 polymer 'hypothetical protein aq_1665'
2 water water
#
_entity_poly.entity_id   1
_entity_poly.type   'polypeptide(L)'
_entity_poly.pdbx_seq_one_letter_code
;NAMMYFISDTHFYHENIINLNPEVRFKGFEIVILTNLLKVLKPEDTLYHLGDFTWHFNDKNEYLRIWKALPGRKILVMGN
HDKDKESLKEYFDEIYDFYKIIEHKGKRILLSHYPAKDPITERYPDRQEMVREIYFKENCDLLIHGHVHWNREGIKCACK
DYRIECINANVEWNDYKPISEREIDKLISYEKAKN
;
_entity_poly.pdbx_strand_id   A,B
#
# COMPACT_ATOMS: atom_id res chain seq x y z
N ASN A 1 -16.78 -14.06 27.16
CA ASN A 1 -17.02 -15.30 26.35
C ASN A 1 -15.85 -15.67 25.46
N ALA A 2 -16.16 -16.43 24.41
CA ALA A 2 -15.20 -16.90 23.42
C ALA A 2 -14.28 -15.78 22.93
N MET A 3 -12.98 -15.95 23.15
CA MET A 3 -11.99 -14.95 22.75
C MET A 3 -11.08 -15.54 21.66
N MET A 4 -10.56 -14.67 20.79
CA MET A 4 -9.67 -15.11 19.73
C MET A 4 -8.27 -14.67 20.09
N TYR A 5 -7.29 -15.57 19.94
CA TYR A 5 -5.89 -15.23 20.23
C TYR A 5 -5.04 -15.49 19.00
N PHE A 6 -3.94 -14.75 18.88
CA PHE A 6 -3.05 -14.93 17.75
C PHE A 6 -1.61 -14.93 18.21
N ILE A 7 -0.86 -15.87 17.65
CA ILE A 7 0.54 -16.06 18.01
C ILE A 7 1.20 -16.70 16.81
N SER A 8 2.51 -16.54 16.67
CA SER A 8 3.19 -17.14 15.55
C SER A 8 4.70 -17.19 15.74
N ASP A 9 5.35 -17.98 14.91
CA ASP A 9 6.80 -18.12 14.95
C ASP A 9 7.28 -18.62 16.29
N THR A 10 6.61 -19.65 16.80
CA THR A 10 6.97 -20.22 18.09
C THR A 10 8.29 -20.98 18.03
N HIS A 11 8.59 -21.55 16.86
CA HIS A 11 9.83 -22.29 16.66
C HIS A 11 10.11 -23.29 17.78
N PHE A 12 9.10 -24.02 18.20
CA PHE A 12 9.30 -25.02 19.25
C PHE A 12 10.42 -25.94 18.83
N TYR A 13 11.36 -26.17 19.75
CA TYR A 13 12.48 -27.06 19.50
C TYR A 13 13.55 -26.51 18.59
N HIS A 14 13.41 -25.26 18.16
CA HIS A 14 14.45 -24.68 17.31
C HIS A 14 15.51 -24.06 18.24
N GLU A 15 16.21 -24.97 18.91
CA GLU A 15 17.26 -24.66 19.87
C GLU A 15 18.27 -23.62 19.39
N ASN A 16 18.59 -23.68 18.10
CA ASN A 16 19.56 -22.78 17.49
C ASN A 16 19.13 -21.33 17.38
N ILE A 17 17.83 -21.08 17.44
CA ILE A 17 17.33 -19.72 17.33
C ILE A 17 17.77 -18.88 18.53
N ILE A 18 18.24 -19.57 19.58
CA ILE A 18 18.72 -18.90 20.78
C ILE A 18 20.01 -18.22 20.38
N ASN A 19 20.72 -18.87 19.45
CA ASN A 19 21.97 -18.36 18.91
C ASN A 19 21.71 -17.30 17.84
N LEU A 20 20.74 -17.58 16.98
CA LEU A 20 20.38 -16.68 15.88
C LEU A 20 19.75 -15.35 16.30
N ASN A 21 19.02 -15.36 17.41
CA ASN A 21 18.38 -14.15 17.91
C ASN A 21 18.72 -14.07 19.39
N PRO A 22 20.02 -14.02 19.70
CA PRO A 22 20.54 -13.95 21.07
C PRO A 22 19.77 -12.91 21.83
N GLU A 23 19.54 -11.81 21.13
CA GLU A 23 18.81 -10.68 21.67
C GLU A 23 17.53 -11.08 22.41
N VAL A 24 16.60 -11.72 21.69
CA VAL A 24 15.32 -12.11 22.27
C VAL A 24 15.16 -13.55 22.73
N ARG A 25 15.66 -14.49 21.95
CA ARG A 25 15.53 -15.90 22.30
C ARG A 25 16.49 -16.32 23.41
N PHE A 26 16.01 -17.17 24.29
CA PHE A 26 16.76 -17.66 25.44
C PHE A 26 16.35 -19.09 25.72
N LYS A 27 17.21 -19.83 26.40
CA LYS A 27 16.91 -21.22 26.73
C LYS A 27 15.62 -21.32 27.55
N GLY A 28 14.76 -22.27 27.20
CA GLY A 28 13.51 -22.44 27.92
C GLY A 28 12.41 -21.52 27.44
N PHE A 29 12.44 -21.10 26.17
CA PHE A 29 11.40 -20.21 25.66
C PHE A 29 10.13 -20.97 25.33
N GLU A 30 10.25 -22.27 25.10
CA GLU A 30 9.06 -23.07 24.80
C GLU A 30 8.17 -23.05 26.04
N ILE A 31 8.76 -23.29 27.20
CA ILE A 31 8.03 -23.30 28.45
C ILE A 31 7.36 -21.95 28.71
N VAL A 32 8.04 -20.87 28.39
CA VAL A 32 7.49 -19.55 28.60
C VAL A 32 6.28 -19.31 27.72
N ILE A 33 6.39 -19.70 26.45
CA ILE A 33 5.29 -19.53 25.51
C ILE A 33 4.08 -20.35 25.94
N LEU A 34 4.31 -21.63 26.20
CA LEU A 34 3.25 -22.54 26.64
C LEU A 34 2.60 -22.07 27.93
N THR A 35 3.39 -21.43 28.78
CA THR A 35 2.90 -20.92 30.04
C THR A 35 1.91 -19.79 29.78
N ASN A 36 2.33 -18.82 28.98
CA ASN A 36 1.48 -17.66 28.67
C ASN A 36 0.20 -18.02 27.95
N LEU A 37 0.19 -19.18 27.30
CA LEU A 37 -1.01 -19.62 26.60
C LEU A 37 -1.87 -20.32 27.64
N LEU A 38 -1.20 -21.03 28.54
CA LEU A 38 -1.89 -21.76 29.59
C LEU A 38 -2.81 -20.85 30.40
N LYS A 39 -2.26 -19.74 30.87
CA LYS A 39 -3.05 -18.84 31.69
C LYS A 39 -3.80 -17.80 30.90
N VAL A 40 -4.65 -18.25 29.99
CA VAL A 40 -5.41 -17.34 29.16
C VAL A 40 -6.49 -18.10 28.38
N LEU A 41 -6.09 -19.17 27.70
CA LEU A 41 -7.01 -19.96 26.92
C LEU A 41 -8.08 -20.60 27.75
N LYS A 42 -9.30 -20.61 27.22
CA LYS A 42 -10.42 -21.24 27.87
C LYS A 42 -11.01 -22.17 26.82
N PRO A 43 -11.78 -23.16 27.24
CA PRO A 43 -12.38 -24.11 26.30
C PRO A 43 -13.08 -23.51 25.08
N GLU A 44 -13.75 -22.39 25.24
CA GLU A 44 -14.49 -21.78 24.12
C GLU A 44 -13.71 -20.77 23.27
N ASP A 45 -12.43 -20.56 23.62
CA ASP A 45 -11.59 -19.65 22.88
C ASP A 45 -11.08 -20.32 21.61
N THR A 46 -10.40 -19.53 20.78
CA THR A 46 -9.83 -20.03 19.54
C THR A 46 -8.48 -19.36 19.34
N LEU A 47 -7.44 -20.18 19.18
CA LEU A 47 -6.08 -19.70 18.98
C LEU A 47 -5.60 -19.86 17.55
N TYR A 48 -5.16 -18.76 16.96
CA TYR A 48 -4.65 -18.79 15.60
C TYR A 48 -3.11 -18.78 15.61
N HIS A 49 -2.50 -19.80 15.02
CA HIS A 49 -1.05 -19.88 14.92
C HIS A 49 -0.76 -19.51 13.47
N LEU A 50 -0.08 -18.40 13.28
CA LEU A 50 0.18 -17.93 11.92
C LEU A 50 1.53 -18.28 11.29
N GLY A 51 2.08 -19.45 11.61
CA GLY A 51 3.33 -19.83 10.97
C GLY A 51 4.54 -20.24 11.79
N ASP A 52 5.25 -21.24 11.26
CA ASP A 52 6.45 -21.80 11.86
C ASP A 52 6.22 -22.24 13.30
N PHE A 53 5.38 -23.27 13.39
CA PHE A 53 4.95 -23.89 14.62
C PHE A 53 6.07 -24.62 15.36
N THR A 54 6.49 -25.75 14.82
CA THR A 54 7.55 -26.55 15.45
C THR A 54 8.71 -26.81 14.50
N TRP A 55 9.90 -26.92 15.08
CA TRP A 55 11.11 -27.16 14.29
C TRP A 55 11.19 -28.62 13.84
N HIS A 56 10.67 -29.54 14.65
CA HIS A 56 10.65 -30.95 14.29
C HIS A 56 9.59 -31.61 15.17
N PHE A 57 9.28 -32.88 14.93
CA PHE A 57 8.23 -33.52 15.71
C PHE A 57 8.65 -34.46 16.80
N ASN A 58 9.93 -34.48 17.11
CA ASN A 58 10.41 -35.34 18.16
C ASN A 58 10.11 -34.63 19.48
N ASP A 59 8.91 -34.84 19.99
CA ASP A 59 8.47 -34.19 21.23
C ASP A 59 9.14 -34.72 22.49
N LYS A 60 10.47 -34.74 22.52
CA LYS A 60 11.20 -35.24 23.68
C LYS A 60 10.95 -34.54 25.01
N ASN A 61 10.60 -33.26 24.97
CA ASN A 61 10.34 -32.51 26.20
C ASN A 61 8.86 -32.27 26.52
N GLU A 62 7.98 -32.92 25.77
CA GLU A 62 6.53 -32.80 25.98
C GLU A 62 5.95 -31.49 25.52
N TYR A 63 6.76 -30.64 24.90
CA TYR A 63 6.25 -29.36 24.45
C TYR A 63 5.00 -29.53 23.60
N LEU A 64 5.05 -30.44 22.63
CA LEU A 64 3.93 -30.65 21.73
C LEU A 64 2.73 -31.33 22.41
N ARG A 65 3.01 -32.30 23.28
CA ARG A 65 1.94 -32.98 23.99
C ARG A 65 1.23 -31.93 24.84
N ILE A 66 2.00 -31.05 25.45
CA ILE A 66 1.45 -29.98 26.28
C ILE A 66 0.58 -29.06 25.44
N TRP A 67 1.12 -28.61 24.31
CA TRP A 67 0.37 -27.75 23.41
C TRP A 67 -0.97 -28.38 23.06
N LYS A 68 -0.92 -29.66 22.70
CA LYS A 68 -2.11 -30.41 22.33
C LYS A 68 -3.13 -30.39 23.47
N ALA A 69 -2.66 -30.50 24.70
CA ALA A 69 -3.52 -30.51 25.87
C ALA A 69 -4.23 -29.20 26.13
N LEU A 70 -3.62 -28.08 25.72
CA LEU A 70 -4.22 -26.77 25.95
C LEU A 70 -5.67 -26.68 25.53
N PRO A 71 -6.48 -25.92 26.25
CA PRO A 71 -7.90 -25.78 25.89
C PRO A 71 -8.14 -24.86 24.69
N GLY A 72 -9.38 -24.84 24.19
CA GLY A 72 -9.71 -24.00 23.05
C GLY A 72 -9.48 -24.66 21.70
N ARG A 73 -10.04 -24.04 20.67
CA ARG A 73 -9.87 -24.53 19.30
C ARG A 73 -8.53 -24.00 18.77
N LYS A 74 -7.85 -24.79 17.95
CA LYS A 74 -6.56 -24.37 17.41
C LYS A 74 -6.51 -24.53 15.90
N ILE A 75 -6.22 -23.43 15.21
CA ILE A 75 -6.14 -23.49 13.75
C ILE A 75 -4.78 -22.92 13.35
N LEU A 76 -4.22 -23.44 12.26
CA LEU A 76 -2.91 -22.98 11.79
C LEU A 76 -2.94 -22.41 10.37
N VAL A 77 -2.10 -21.39 10.15
CA VAL A 77 -1.92 -20.79 8.84
C VAL A 77 -0.44 -21.04 8.63
N MET A 78 -0.15 -21.96 7.72
CA MET A 78 1.21 -22.38 7.41
C MET A 78 2.26 -21.35 7.02
N GLY A 79 3.42 -21.50 7.66
CA GLY A 79 4.56 -20.65 7.40
C GLY A 79 5.55 -21.42 6.52
N ASN A 80 6.68 -20.82 6.16
CA ASN A 80 7.60 -21.52 5.30
C ASN A 80 8.21 -22.78 5.89
N HIS A 81 8.37 -22.84 7.20
CA HIS A 81 8.97 -24.03 7.77
C HIS A 81 7.95 -25.14 8.06
N ASP A 82 6.67 -24.79 8.02
CA ASP A 82 5.61 -25.77 8.27
C ASP A 82 5.41 -26.60 6.99
N LYS A 83 6.04 -27.77 6.91
CA LYS A 83 5.91 -28.58 5.71
C LYS A 83 5.01 -29.82 5.74
N ASP A 84 5.13 -30.62 6.81
CA ASP A 84 4.33 -31.84 6.93
C ASP A 84 2.93 -31.60 7.50
N LYS A 85 1.94 -31.55 6.63
CA LYS A 85 0.57 -31.32 7.06
C LYS A 85 0.00 -32.49 7.85
N GLU A 86 0.44 -33.70 7.54
CA GLU A 86 -0.04 -34.89 8.24
C GLU A 86 0.41 -34.94 9.69
N SER A 87 1.66 -34.54 9.94
CA SER A 87 2.19 -34.54 11.29
C SER A 87 1.48 -33.46 12.08
N LEU A 88 1.18 -32.36 11.40
CA LEU A 88 0.51 -31.22 12.01
C LEU A 88 -0.96 -31.44 12.32
N LYS A 89 -1.65 -32.20 11.49
CA LYS A 89 -3.07 -32.41 11.68
C LYS A 89 -3.53 -32.68 13.09
N GLU A 90 -2.67 -33.28 13.91
CA GLU A 90 -3.11 -33.55 15.26
C GLU A 90 -2.69 -32.57 16.33
N TYR A 91 -2.30 -31.38 15.90
CA TYR A 91 -1.92 -30.33 16.83
C TYR A 91 -2.83 -29.15 16.56
N PHE A 92 -3.61 -29.27 15.48
CA PHE A 92 -4.56 -28.24 15.06
C PHE A 92 -5.85 -28.88 14.56
N ASP A 93 -6.94 -28.12 14.66
CA ASP A 93 -8.26 -28.57 14.22
C ASP A 93 -8.50 -28.17 12.78
N GLU A 94 -7.91 -27.04 12.39
CA GLU A 94 -8.03 -26.53 11.03
C GLU A 94 -6.65 -26.06 10.58
N ILE A 95 -6.32 -26.33 9.33
CA ILE A 95 -5.04 -25.90 8.78
C ILE A 95 -5.31 -25.27 7.42
N TYR A 96 -4.81 -24.05 7.24
CA TYR A 96 -4.97 -23.31 5.99
C TYR A 96 -3.57 -23.12 5.45
N ASP A 97 -3.31 -23.62 4.24
CA ASP A 97 -1.97 -23.53 3.69
C ASP A 97 -1.40 -22.17 3.36
N PHE A 98 -2.20 -21.12 3.29
CA PHE A 98 -1.63 -19.82 3.01
C PHE A 98 -2.27 -18.62 3.70
N TYR A 99 -3.60 -18.59 3.79
CA TYR A 99 -4.26 -17.48 4.47
C TYR A 99 -5.61 -17.90 4.95
N LYS A 100 -6.25 -17.01 5.71
CA LYS A 100 -7.59 -17.27 6.22
C LYS A 100 -8.19 -15.91 6.49
N ILE A 101 -9.44 -15.75 6.09
CA ILE A 101 -10.12 -14.50 6.32
C ILE A 101 -11.22 -14.67 7.35
N ILE A 102 -11.24 -13.77 8.32
CA ILE A 102 -12.24 -13.79 9.37
C ILE A 102 -12.80 -12.38 9.53
N GLU A 103 -14.00 -12.30 10.08
CA GLU A 103 -14.67 -11.02 10.30
C GLU A 103 -14.89 -10.86 11.80
N HIS A 104 -14.49 -9.72 12.34
CA HIS A 104 -14.66 -9.50 13.76
C HIS A 104 -15.37 -8.17 14.02
N LYS A 105 -16.48 -8.21 14.73
CA LYS A 105 -17.23 -6.99 15.03
C LYS A 105 -17.20 -6.03 13.85
N GLY A 106 -17.70 -6.52 12.72
CA GLY A 106 -17.75 -5.70 11.52
C GLY A 106 -16.55 -5.82 10.61
N LYS A 107 -15.40 -5.34 11.07
CA LYS A 107 -14.18 -5.35 10.28
C LYS A 107 -13.73 -6.73 9.79
N ARG A 108 -13.08 -6.73 8.63
CA ARG A 108 -12.60 -7.94 7.97
C ARG A 108 -11.11 -8.14 8.19
N ILE A 109 -10.72 -9.32 8.65
CA ILE A 109 -9.32 -9.62 8.96
C ILE A 109 -8.64 -10.72 8.13
N LEU A 110 -7.49 -10.36 7.56
CA LEU A 110 -6.68 -11.28 6.78
C LEU A 110 -5.64 -11.86 7.72
N LEU A 111 -5.58 -13.18 7.74
CA LEU A 111 -4.63 -13.91 8.57
C LEU A 111 -3.67 -14.61 7.61
N SER A 112 -2.40 -14.27 7.73
CA SER A 112 -1.38 -14.88 6.89
C SER A 112 -0.09 -14.93 7.68
N HIS A 113 0.85 -15.77 7.26
CA HIS A 113 2.13 -15.84 7.95
C HIS A 113 3.02 -14.72 7.45
N TYR A 114 2.90 -14.41 6.18
CA TYR A 114 3.72 -13.39 5.54
C TYR A 114 3.15 -12.01 5.67
N PRO A 115 4.03 -11.00 5.76
CA PRO A 115 3.62 -9.59 5.88
C PRO A 115 3.42 -8.97 4.50
N ALA A 116 2.94 -7.73 4.47
CA ALA A 116 2.75 -7.06 3.20
C ALA A 116 4.14 -6.74 2.67
N LYS A 117 5.06 -6.41 3.59
CA LYS A 117 6.42 -6.07 3.22
C LYS A 117 7.33 -6.28 4.42
N ASP A 118 8.43 -7.01 4.22
CA ASP A 118 9.37 -7.25 5.31
C ASP A 118 10.25 -6.00 5.47
N PRO A 119 10.13 -5.33 6.62
CA PRO A 119 10.87 -4.11 6.94
C PRO A 119 12.36 -4.30 6.99
N ILE A 120 12.82 -5.53 6.82
CA ILE A 120 14.25 -5.81 6.86
C ILE A 120 14.70 -6.50 5.60
N THR A 121 14.39 -7.80 5.51
CA THR A 121 14.76 -8.57 4.34
C THR A 121 13.57 -9.28 3.73
N GLU A 122 13.29 -8.94 2.48
CA GLU A 122 12.17 -9.54 1.77
C GLU A 122 12.60 -10.85 1.13
N ARG A 123 12.59 -11.91 1.93
CA ARG A 123 12.99 -13.23 1.50
C ARG A 123 11.96 -13.93 0.63
N TYR A 124 10.69 -13.58 0.80
CA TYR A 124 9.64 -14.21 0.03
C TYR A 124 8.75 -13.17 -0.63
N PRO A 125 9.33 -12.34 -1.52
CA PRO A 125 8.59 -11.29 -2.22
C PRO A 125 7.30 -11.72 -2.93
N ASP A 126 7.31 -12.92 -3.51
CA ASP A 126 6.13 -13.45 -4.22
C ASP A 126 5.00 -13.69 -3.24
N ARG A 127 5.32 -14.25 -2.08
CA ARG A 127 4.28 -14.53 -1.08
C ARG A 127 3.77 -13.22 -0.45
N GLN A 128 4.66 -12.26 -0.29
CA GLN A 128 4.27 -10.98 0.27
C GLN A 128 3.26 -10.33 -0.69
N GLU A 129 3.54 -10.43 -1.98
CA GLU A 129 2.65 -9.86 -2.99
C GLU A 129 1.27 -10.51 -3.00
N MET A 130 1.23 -11.80 -2.71
CA MET A 130 -0.04 -12.51 -2.71
C MET A 130 -0.90 -12.00 -1.56
N VAL A 131 -0.27 -11.78 -0.41
CA VAL A 131 -0.96 -11.28 0.78
C VAL A 131 -1.60 -9.93 0.49
N ARG A 132 -0.82 -9.04 -0.11
CA ARG A 132 -1.30 -7.72 -0.47
C ARG A 132 -2.47 -7.90 -1.43
N GLU A 133 -2.26 -8.70 -2.47
CA GLU A 133 -3.29 -8.95 -3.46
C GLU A 133 -4.60 -9.36 -2.81
N ILE A 134 -4.55 -10.37 -1.96
CA ILE A 134 -5.75 -10.85 -1.26
C ILE A 134 -6.37 -9.71 -0.46
N TYR A 135 -5.51 -9.05 0.32
CA TYR A 135 -5.95 -7.94 1.15
C TYR A 135 -6.80 -6.98 0.33
N PHE A 136 -6.25 -6.53 -0.78
CA PHE A 136 -6.96 -5.59 -1.65
C PHE A 136 -8.23 -6.17 -2.27
N LYS A 137 -8.08 -7.34 -2.88
CA LYS A 137 -9.19 -8.03 -3.53
C LYS A 137 -10.39 -8.23 -2.61
N GLU A 138 -10.13 -8.63 -1.38
CA GLU A 138 -11.21 -8.87 -0.42
C GLU A 138 -11.58 -7.65 0.42
N ASN A 139 -10.96 -6.52 0.12
CA ASN A 139 -11.24 -5.28 0.85
C ASN A 139 -11.10 -5.46 2.34
N CYS A 140 -9.97 -6.02 2.75
CA CYS A 140 -9.69 -6.26 4.16
C CYS A 140 -9.33 -5.02 4.95
N ASP A 141 -9.70 -5.04 6.23
CA ASP A 141 -9.44 -3.92 7.11
C ASP A 141 -8.13 -4.07 7.88
N LEU A 142 -7.78 -5.31 8.19
CA LEU A 142 -6.55 -5.56 8.93
C LEU A 142 -5.86 -6.85 8.53
N LEU A 143 -4.55 -6.87 8.70
CA LEU A 143 -3.75 -8.04 8.40
C LEU A 143 -2.99 -8.41 9.66
N ILE A 144 -3.19 -9.63 10.14
CA ILE A 144 -2.47 -10.11 11.30
C ILE A 144 -1.52 -11.13 10.70
N HIS A 145 -0.23 -10.98 10.97
CA HIS A 145 0.77 -11.88 10.42
C HIS A 145 1.89 -12.17 11.41
N GLY A 146 2.91 -12.86 10.92
CA GLY A 146 4.07 -13.17 11.73
C GLY A 146 5.31 -13.00 10.85
N HIS A 147 6.13 -14.04 10.80
CA HIS A 147 7.32 -14.04 9.96
C HIS A 147 8.45 -13.06 10.28
N VAL A 148 8.15 -11.79 10.56
CA VAL A 148 9.22 -10.82 10.85
C VAL A 148 9.66 -10.83 12.31
N HIS A 149 10.91 -11.25 12.53
CA HIS A 149 11.46 -11.34 13.88
C HIS A 149 11.86 -10.04 14.50
N TRP A 150 12.13 -10.10 15.79
CA TRP A 150 12.54 -8.94 16.54
C TRP A 150 13.88 -8.44 16.03
N ASN A 151 14.03 -7.11 16.02
CA ASN A 151 15.26 -6.47 15.60
C ASN A 151 15.38 -5.29 16.55
N ARG A 152 16.59 -4.77 16.70
CA ARG A 152 16.81 -3.65 17.62
C ARG A 152 16.22 -2.29 17.21
N GLU A 153 15.39 -2.25 16.16
CA GLU A 153 14.80 -0.98 15.73
C GLU A 153 13.26 -0.97 15.67
N GLY A 154 12.66 -1.75 14.78
CA GLY A 154 11.21 -1.75 14.67
C GLY A 154 10.72 -2.28 13.33
N CYS A 157 6.90 -3.72 11.28
CA CYS A 157 6.47 -4.11 9.90
C CYS A 157 6.62 -3.00 8.88
N ALA A 158 6.65 -3.40 7.61
CA ALA A 158 6.73 -2.45 6.50
C ALA A 158 5.32 -2.43 5.93
N CYS A 159 4.46 -3.28 6.48
CA CYS A 159 3.08 -3.33 6.02
C CYS A 159 2.36 -2.05 6.39
N LYS A 160 2.96 -0.93 6.00
CA LYS A 160 2.45 0.40 6.27
C LYS A 160 2.74 1.29 5.06
N ASP A 161 3.69 0.85 4.22
CA ASP A 161 4.07 1.60 3.02
C ASP A 161 2.99 1.42 1.95
N TYR A 162 2.07 0.50 2.23
CA TYR A 162 0.94 0.21 1.37
C TYR A 162 -0.23 0.57 2.26
N ARG A 163 -1.34 0.99 1.66
CA ARG A 163 -2.50 1.35 2.48
C ARG A 163 -3.00 0.08 3.18
N ILE A 164 -2.13 -0.50 4.00
CA ILE A 164 -2.46 -1.73 4.72
C ILE A 164 -2.14 -1.59 6.21
N GLU A 165 -3.10 -1.96 7.04
CA GLU A 165 -2.94 -1.92 8.49
C GLU A 165 -2.59 -3.33 8.94
N CYS A 166 -1.69 -3.46 9.90
CA CYS A 166 -1.29 -4.79 10.35
C CYS A 166 -0.75 -4.85 11.77
N ILE A 167 -0.59 -6.07 12.27
CA ILE A 167 -0.05 -6.32 13.59
C ILE A 167 0.74 -7.61 13.52
N ASN A 168 1.94 -7.60 14.08
CA ASN A 168 2.83 -8.75 14.06
C ASN A 168 2.58 -9.67 15.25
N ALA A 169 2.06 -10.87 14.99
CA ALA A 169 1.78 -11.84 16.04
C ALA A 169 2.97 -12.70 16.48
N ASN A 170 4.15 -12.43 15.91
CA ASN A 170 5.36 -13.17 16.24
C ASN A 170 5.69 -13.03 17.73
N VAL A 171 5.96 -14.15 18.38
CA VAL A 171 6.26 -14.15 19.81
C VAL A 171 7.35 -13.17 20.20
N GLU A 172 8.41 -13.10 19.40
CA GLU A 172 9.53 -12.21 19.68
C GLU A 172 9.16 -10.73 19.83
N TRP A 173 8.01 -10.33 19.30
CA TRP A 173 7.60 -8.94 19.40
C TRP A 173 6.60 -8.70 20.52
N ASN A 174 5.97 -9.77 21.00
CA ASN A 174 4.98 -9.61 22.04
C ASN A 174 5.32 -10.30 23.35
N ASP A 175 6.62 -10.42 23.62
CA ASP A 175 7.10 -11.03 24.86
C ASP A 175 6.52 -12.43 25.05
N TYR A 176 6.52 -13.20 23.97
CA TYR A 176 6.02 -14.58 23.97
C TYR A 176 4.62 -14.76 24.54
N LYS A 177 3.71 -13.87 24.16
CA LYS A 177 2.31 -13.93 24.59
C LYS A 177 1.38 -13.81 23.38
N PRO A 178 0.28 -14.58 23.37
CA PRO A 178 -0.64 -14.49 22.23
C PRO A 178 -1.25 -13.11 22.27
N ILE A 179 -1.80 -12.68 21.14
CA ILE A 179 -2.43 -11.37 21.12
C ILE A 179 -3.92 -11.64 21.25
N SER A 180 -4.57 -10.86 22.09
CA SER A 180 -5.99 -11.03 22.31
C SER A 180 -6.79 -10.29 21.24
N GLU A 181 -8.08 -10.62 21.14
CA GLU A 181 -8.94 -9.96 20.17
C GLU A 181 -9.17 -8.54 20.70
N ARG A 182 -8.65 -8.28 21.90
CA ARG A 182 -8.78 -6.98 22.51
C ARG A 182 -7.97 -5.98 21.75
N GLU A 183 -6.69 -6.29 21.55
CA GLU A 183 -5.79 -5.42 20.83
C GLU A 183 -6.26 -5.12 19.40
N ILE A 184 -7.14 -5.95 18.88
CA ILE A 184 -7.69 -5.74 17.53
C ILE A 184 -8.68 -4.59 17.64
N ASP A 185 -9.47 -4.64 18.70
CA ASP A 185 -10.48 -3.63 18.98
C ASP A 185 -9.86 -2.27 19.24
N LYS A 186 -8.67 -2.27 19.83
CA LYS A 186 -7.97 -1.04 20.12
C LYS A 186 -7.75 -0.29 18.80
N LEU A 187 -7.95 -0.99 17.69
CA LEU A 187 -7.80 -0.38 16.37
C LEU A 187 -9.18 0.02 15.83
N ILE A 188 -10.07 -0.97 15.71
CA ILE A 188 -11.43 -0.76 15.21
C ILE A 188 -12.04 0.55 15.74
N ASN B 1 10.11 36.55 -18.16
CA ASN B 1 9.68 35.43 -19.06
C ASN B 1 9.15 34.22 -18.27
N ALA B 2 8.06 34.43 -17.54
CA ALA B 2 7.46 33.37 -16.75
C ALA B 2 6.88 32.27 -17.65
N MET B 3 6.83 31.04 -17.14
CA MET B 3 6.31 29.92 -17.91
C MET B 3 5.41 28.99 -17.10
N MET B 4 4.54 28.28 -17.80
CA MET B 4 3.63 27.33 -17.19
C MET B 4 4.12 25.94 -17.54
N TYR B 5 3.84 24.99 -16.64
CA TYR B 5 4.21 23.59 -16.82
C TYR B 5 3.04 22.74 -16.38
N PHE B 6 2.99 21.50 -16.85
CA PHE B 6 1.89 20.63 -16.48
C PHE B 6 2.38 19.26 -16.18
N ILE B 7 1.92 18.73 -15.07
CA ILE B 7 2.32 17.41 -14.66
C ILE B 7 1.07 16.77 -14.07
N SER B 8 1.04 15.45 -14.02
CA SER B 8 -0.12 14.77 -13.49
C SER B 8 0.22 13.35 -13.01
N ASP B 9 -0.68 12.76 -12.23
CA ASP B 9 -0.53 11.40 -11.73
C ASP B 9 0.84 11.05 -11.15
N THR B 10 1.44 12.01 -10.43
CA THR B 10 2.74 11.79 -9.81
C THR B 10 2.76 10.53 -8.94
N HIS B 11 1.66 10.30 -8.22
CA HIS B 11 1.53 9.15 -7.35
C HIS B 11 2.69 9.00 -6.36
N PHE B 12 3.01 10.09 -5.68
CA PHE B 12 4.07 10.07 -4.71
C PHE B 12 3.73 9.05 -3.62
N TYR B 13 4.75 8.28 -3.23
CA TYR B 13 4.60 7.27 -2.19
C TYR B 13 3.68 6.11 -2.49
N HIS B 14 3.04 6.11 -3.66
CA HIS B 14 2.18 4.99 -4.01
C HIS B 14 3.09 3.87 -4.51
N GLU B 15 3.63 3.10 -3.57
CA GLU B 15 4.55 2.03 -3.91
C GLU B 15 3.95 0.91 -4.76
N ASN B 16 2.71 0.53 -4.48
CA ASN B 16 2.09 -0.53 -5.24
C ASN B 16 1.93 -0.15 -6.71
N ILE B 17 2.10 1.14 -7.01
CA ILE B 17 1.99 1.65 -8.38
C ILE B 17 3.13 1.04 -9.21
N ILE B 18 4.21 0.69 -8.52
CA ILE B 18 5.35 0.06 -9.17
C ILE B 18 4.96 -1.36 -9.57
N ASN B 19 3.98 -1.90 -8.84
CA ASN B 19 3.45 -3.24 -9.09
C ASN B 19 2.36 -3.21 -10.16
N LEU B 20 1.53 -2.16 -10.09
CA LEU B 20 0.43 -1.96 -11.03
C LEU B 20 0.94 -1.68 -12.44
N ASN B 21 1.83 -0.72 -12.59
CA ASN B 21 2.37 -0.41 -13.90
C ASN B 21 3.87 -0.71 -13.86
N PRO B 22 4.22 -2.02 -13.86
CA PRO B 22 5.59 -2.57 -13.80
C PRO B 22 6.51 -2.17 -14.95
N GLU B 23 5.93 -1.85 -16.10
CA GLU B 23 6.72 -1.49 -17.26
C GLU B 23 7.32 -0.09 -17.27
N VAL B 24 6.54 0.90 -16.84
CA VAL B 24 6.98 2.28 -16.83
C VAL B 24 7.42 2.80 -15.44
N ARG B 25 6.84 2.25 -14.38
CA ARG B 25 7.18 2.66 -13.00
C ARG B 25 8.34 1.84 -12.45
N PHE B 26 9.07 2.45 -11.52
CA PHE B 26 10.23 1.80 -10.91
C PHE B 26 10.53 2.45 -9.56
N LYS B 27 11.33 1.75 -8.75
CA LYS B 27 11.72 2.24 -7.43
C LYS B 27 12.56 3.50 -7.61
N GLY B 28 12.15 4.58 -6.94
CA GLY B 28 12.89 5.83 -7.04
C GLY B 28 12.32 6.77 -8.10
N PHE B 29 11.10 6.48 -8.56
CA PHE B 29 10.49 7.32 -9.59
C PHE B 29 10.19 8.72 -9.06
N GLU B 30 9.95 8.83 -7.76
CA GLU B 30 9.67 10.12 -7.15
C GLU B 30 10.84 11.08 -7.29
N ILE B 31 12.05 10.56 -7.12
CA ILE B 31 13.25 11.38 -7.22
C ILE B 31 13.38 11.88 -8.65
N VAL B 32 13.06 11.00 -9.60
CA VAL B 32 13.14 11.36 -11.02
C VAL B 32 12.22 12.53 -11.35
N ILE B 33 10.99 12.45 -10.86
CA ILE B 33 10.00 13.50 -11.09
C ILE B 33 10.51 14.83 -10.51
N LEU B 34 10.87 14.80 -9.22
CA LEU B 34 11.38 15.96 -8.49
C LEU B 34 12.64 16.52 -9.15
N THR B 35 13.47 15.62 -9.64
CA THR B 35 14.70 16.01 -10.31
C THR B 35 14.34 16.81 -11.56
N ASN B 36 13.45 16.27 -12.37
CA ASN B 36 13.04 16.93 -13.59
C ASN B 36 12.36 18.26 -13.35
N LEU B 37 11.60 18.37 -12.26
CA LEU B 37 10.93 19.63 -11.93
C LEU B 37 11.97 20.64 -11.45
N LEU B 38 12.84 20.18 -10.57
CA LEU B 38 13.89 21.02 -10.01
C LEU B 38 14.73 21.73 -11.08
N LYS B 39 15.12 20.97 -12.10
CA LYS B 39 15.95 21.54 -13.16
C LYS B 39 15.21 22.28 -14.27
N VAL B 40 14.03 22.80 -13.99
CA VAL B 40 13.27 23.51 -15.01
C VAL B 40 12.46 24.68 -14.42
N LEU B 41 12.00 24.51 -13.18
CA LEU B 41 11.20 25.52 -12.50
C LEU B 41 12.00 26.71 -12.00
N LYS B 42 11.45 27.91 -12.24
CA LYS B 42 12.08 29.14 -11.79
C LYS B 42 11.02 29.79 -10.93
N PRO B 43 11.42 30.66 -9.99
CA PRO B 43 10.46 31.32 -9.11
C PRO B 43 9.22 31.95 -9.76
N GLU B 44 9.38 32.53 -10.94
CA GLU B 44 8.22 33.17 -11.55
C GLU B 44 7.28 32.23 -12.30
N ASP B 45 7.71 30.99 -12.51
CA ASP B 45 6.87 30.03 -13.24
C ASP B 45 5.67 29.57 -12.41
N THR B 46 4.77 28.81 -13.05
CA THR B 46 3.60 28.25 -12.39
C THR B 46 3.48 26.78 -12.80
N LEU B 47 3.29 25.92 -11.81
CA LEU B 47 3.17 24.50 -12.08
C LEU B 47 1.75 24.03 -11.84
N TYR B 48 1.17 23.40 -12.85
CA TYR B 48 -0.17 22.87 -12.76
C TYR B 48 -0.14 21.36 -12.61
N HIS B 49 -0.61 20.86 -11.47
CA HIS B 49 -0.67 19.44 -11.23
C HIS B 49 -2.11 19.04 -11.48
N LEU B 50 -2.32 18.10 -12.40
CA LEU B 50 -3.66 17.69 -12.78
C LEU B 50 -4.27 16.43 -12.15
N GLY B 51 -3.95 16.17 -10.87
CA GLY B 51 -4.54 15.03 -10.19
C GLY B 51 -3.70 13.84 -9.77
N ASP B 52 -4.07 13.27 -8.61
CA ASP B 52 -3.40 12.11 -8.00
C ASP B 52 -1.97 12.47 -7.58
N PHE B 53 -1.90 13.40 -6.64
CA PHE B 53 -0.64 13.92 -6.13
C PHE B 53 0.21 12.95 -5.32
N THR B 54 -0.23 12.65 -4.11
CA THR B 54 0.50 11.75 -3.21
C THR B 54 -0.41 10.65 -2.65
N TRP B 55 0.19 9.53 -2.26
CA TRP B 55 -0.59 8.42 -1.75
C TRP B 55 -0.93 8.59 -0.27
N HIS B 56 -0.05 9.27 0.46
CA HIS B 56 -0.28 9.55 1.88
C HIS B 56 0.54 10.75 2.24
N PHE B 57 0.43 11.20 3.49
CA PHE B 57 1.18 12.38 3.89
C PHE B 57 2.27 12.14 4.94
N ASN B 58 2.72 10.90 5.03
CA ASN B 58 3.82 10.57 5.94
C ASN B 58 5.06 10.75 5.09
N ASP B 59 5.52 11.99 5.02
CA ASP B 59 6.68 12.38 4.23
C ASP B 59 7.98 11.75 4.75
N LYS B 60 8.03 10.42 4.80
CA LYS B 60 9.20 9.73 5.31
C LYS B 60 10.47 9.85 4.48
N ASN B 61 10.37 10.34 3.24
CA ASN B 61 11.56 10.47 2.41
C ASN B 61 11.74 11.90 1.96
N GLU B 62 11.00 12.80 2.59
CA GLU B 62 11.06 14.23 2.27
C GLU B 62 10.61 14.58 0.86
N TYR B 63 9.95 13.67 0.15
CA TYR B 63 9.50 13.97 -1.21
C TYR B 63 8.53 15.15 -1.27
N LEU B 64 7.52 15.14 -0.41
CA LEU B 64 6.53 16.20 -0.38
C LEU B 64 7.17 17.53 0.03
N ARG B 65 8.09 17.45 0.99
CA ARG B 65 8.81 18.63 1.47
C ARG B 65 9.68 19.24 0.37
N ILE B 66 10.27 18.37 -0.44
CA ILE B 66 11.11 18.79 -1.55
C ILE B 66 10.23 19.48 -2.59
N TRP B 67 9.08 18.88 -2.88
CA TRP B 67 8.13 19.44 -3.83
C TRP B 67 7.78 20.87 -3.40
N LYS B 68 7.49 20.99 -2.11
CA LYS B 68 7.13 22.26 -1.52
C LYS B 68 8.25 23.28 -1.71
N ALA B 69 9.48 22.85 -1.47
CA ALA B 69 10.64 23.73 -1.61
C ALA B 69 10.88 24.19 -3.03
N LEU B 70 10.38 23.41 -4.00
CA LEU B 70 10.57 23.75 -5.40
C LEU B 70 10.04 25.15 -5.68
N PRO B 71 10.74 25.93 -6.53
CA PRO B 71 10.33 27.29 -6.89
C PRO B 71 9.08 27.33 -7.76
N GLY B 72 8.41 28.48 -7.77
CA GLY B 72 7.22 28.62 -8.59
C GLY B 72 5.90 28.40 -7.88
N ARG B 73 4.83 28.84 -8.54
CA ARG B 73 3.47 28.71 -8.01
C ARG B 73 2.94 27.32 -8.34
N LYS B 74 2.16 26.74 -7.43
CA LYS B 74 1.63 25.40 -7.65
C LYS B 74 0.11 25.30 -7.50
N ILE B 75 -0.56 24.96 -8.60
CA ILE B 75 -2.01 24.80 -8.63
C ILE B 75 -2.38 23.35 -8.81
N LEU B 76 -3.40 22.90 -8.08
CA LEU B 76 -3.85 21.52 -8.17
C LEU B 76 -5.29 21.37 -8.65
N VAL B 77 -5.48 20.48 -9.62
CA VAL B 77 -6.79 20.16 -10.17
C VAL B 77 -6.96 18.69 -9.75
N MET B 78 -7.67 18.49 -8.64
CA MET B 78 -7.90 17.19 -8.04
C MET B 78 -8.25 15.98 -8.88
N GLY B 79 -7.53 14.88 -8.64
CA GLY B 79 -7.75 13.63 -9.34
C GLY B 79 -8.61 12.78 -8.44
N ASN B 80 -9.03 11.59 -8.88
CA ASN B 80 -9.89 10.76 -8.03
C ASN B 80 -9.27 10.28 -6.74
N HIS B 81 -7.95 10.18 -6.69
CA HIS B 81 -7.34 9.71 -5.47
C HIS B 81 -7.06 10.86 -4.50
N ASP B 82 -7.10 12.09 -4.99
CA ASP B 82 -6.87 13.25 -4.14
C ASP B 82 -8.11 13.45 -3.30
N LYS B 83 -7.96 13.40 -1.99
CA LYS B 83 -9.12 13.58 -1.12
C LYS B 83 -8.90 14.44 0.11
N ASP B 84 -7.71 14.36 0.70
CA ASP B 84 -7.44 15.17 1.87
C ASP B 84 -7.13 16.61 1.45
N LYS B 85 -8.16 17.31 1.01
CA LYS B 85 -8.00 18.68 0.56
C LYS B 85 -7.31 19.58 1.58
N GLU B 86 -7.57 19.35 2.87
CA GLU B 86 -6.95 20.20 3.89
C GLU B 86 -5.43 20.05 3.88
N SER B 87 -4.96 18.81 3.86
CA SER B 87 -3.52 18.52 3.84
C SER B 87 -2.83 18.98 2.57
N LEU B 88 -3.56 18.93 1.47
CA LEU B 88 -3.01 19.34 0.18
C LEU B 88 -2.75 20.84 0.13
N LYS B 89 -3.60 21.61 0.82
CA LYS B 89 -3.45 23.07 0.85
C LYS B 89 -2.05 23.49 1.27
N GLU B 90 -1.33 22.55 1.86
CA GLU B 90 0.03 22.81 2.33
C GLU B 90 1.08 22.70 1.24
N TYR B 91 0.73 22.05 0.14
CA TYR B 91 1.67 21.87 -0.95
C TYR B 91 1.24 22.58 -2.21
N PHE B 92 0.07 23.21 -2.15
CA PHE B 92 -0.46 23.93 -3.29
C PHE B 92 -0.97 25.33 -2.97
N ASP B 93 -0.82 26.24 -3.94
CA ASP B 93 -1.26 27.63 -3.79
C ASP B 93 -2.71 27.80 -4.25
N GLU B 94 -3.21 26.82 -4.99
CA GLU B 94 -4.58 26.82 -5.47
C GLU B 94 -5.05 25.39 -5.73
N ILE B 95 -6.29 25.10 -5.33
CA ILE B 95 -6.86 23.78 -5.51
C ILE B 95 -8.28 23.84 -6.09
N TYR B 96 -8.44 23.17 -7.22
CA TYR B 96 -9.72 23.11 -7.90
C TYR B 96 -10.24 21.69 -7.80
N ASP B 97 -11.52 21.56 -7.47
CA ASP B 97 -12.15 20.26 -7.28
C ASP B 97 -12.28 19.40 -8.53
N PHE B 98 -12.50 20.03 -9.67
CA PHE B 98 -12.71 19.29 -10.91
C PHE B 98 -11.96 19.84 -12.14
N TYR B 99 -12.12 21.13 -12.38
CA TYR B 99 -11.48 21.72 -13.53
C TYR B 99 -11.04 23.15 -13.33
N LYS B 100 -10.26 23.63 -14.28
CA LYS B 100 -9.74 24.98 -14.30
C LYS B 100 -9.51 25.34 -15.76
N ILE B 101 -10.04 26.50 -16.16
CA ILE B 101 -9.85 26.95 -17.52
C ILE B 101 -8.87 28.11 -17.50
N ILE B 102 -7.90 28.06 -18.40
CA ILE B 102 -6.91 29.11 -18.49
C ILE B 102 -6.87 29.63 -19.92
N GLU B 103 -6.53 30.90 -20.06
CA GLU B 103 -6.47 31.57 -21.36
C GLU B 103 -5.00 31.87 -21.70
N HIS B 104 -4.51 31.30 -22.79
CA HIS B 104 -3.12 31.50 -23.21
C HIS B 104 -2.96 31.54 -24.74
N LYS B 105 -2.39 32.64 -25.24
CA LYS B 105 -2.19 32.83 -26.68
C LYS B 105 -3.53 33.07 -27.36
N GLY B 106 -4.44 33.73 -26.65
CA GLY B 106 -5.76 34.02 -27.20
C GLY B 106 -6.61 32.78 -27.31
N LYS B 107 -6.09 31.67 -26.80
CA LYS B 107 -6.80 30.40 -26.84
C LYS B 107 -7.36 30.09 -25.44
N ARG B 108 -8.22 29.09 -25.36
CA ARG B 108 -8.81 28.69 -24.09
C ARG B 108 -8.46 27.25 -23.84
N ILE B 109 -7.65 27.02 -22.81
CA ILE B 109 -7.24 25.67 -22.46
C ILE B 109 -8.05 25.16 -21.27
N LEU B 110 -8.62 23.97 -21.41
CA LEU B 110 -9.38 23.36 -20.34
C LEU B 110 -8.48 22.38 -19.61
N LEU B 111 -8.37 22.55 -18.30
CA LEU B 111 -7.54 21.69 -17.49
C LEU B 111 -8.40 20.84 -16.57
N SER B 112 -8.15 19.53 -16.57
CA SER B 112 -8.87 18.59 -15.72
C SER B 112 -8.08 17.30 -15.66
N HIS B 113 -8.31 16.51 -14.63
CA HIS B 113 -7.61 15.25 -14.48
C HIS B 113 -8.13 14.22 -15.46
N TYR B 114 -9.40 14.35 -15.83
CA TYR B 114 -10.00 13.39 -16.73
C TYR B 114 -9.97 13.80 -18.17
N PRO B 115 -9.84 12.79 -19.06
CA PRO B 115 -9.80 12.99 -20.50
C PRO B 115 -11.23 13.03 -21.01
N ALA B 116 -11.42 13.46 -22.25
CA ALA B 116 -12.75 13.51 -22.84
C ALA B 116 -13.15 12.05 -23.08
N LYS B 117 -12.15 11.17 -23.14
CA LYS B 117 -12.41 9.75 -23.35
C LYS B 117 -11.26 8.84 -22.90
N ASP B 118 -11.58 7.83 -22.11
CA ASP B 118 -10.59 6.87 -21.61
C ASP B 118 -10.49 5.70 -22.59
N PRO B 119 -9.42 5.68 -23.42
CA PRO B 119 -9.19 4.63 -24.42
C PRO B 119 -9.11 3.21 -23.88
N ILE B 120 -8.88 3.07 -22.58
CA ILE B 120 -8.74 1.74 -21.99
C ILE B 120 -9.88 1.23 -21.12
N THR B 121 -10.22 1.97 -20.06
CA THR B 121 -11.25 1.50 -19.16
C THR B 121 -12.56 2.27 -19.05
N GLU B 122 -12.55 3.56 -19.37
CA GLU B 122 -13.76 4.38 -19.26
C GLU B 122 -14.41 4.07 -17.91
N ARG B 123 -13.66 4.35 -16.84
CA ARG B 123 -14.06 4.11 -15.46
C ARG B 123 -14.98 5.19 -14.87
N TYR B 124 -14.79 6.43 -15.30
CA TYR B 124 -15.62 7.54 -14.81
C TYR B 124 -16.23 8.26 -16.00
N PRO B 125 -17.05 7.54 -16.79
CA PRO B 125 -17.69 8.13 -17.97
C PRO B 125 -18.43 9.42 -17.62
N ASP B 126 -18.95 9.47 -16.40
CA ASP B 126 -19.69 10.62 -15.92
C ASP B 126 -18.81 11.86 -15.89
N ARG B 127 -17.64 11.69 -15.29
CA ARG B 127 -16.69 12.78 -15.17
C ARG B 127 -16.16 13.17 -16.54
N GLN B 128 -15.76 12.17 -17.32
CA GLN B 128 -15.26 12.40 -18.66
C GLN B 128 -16.27 13.18 -19.50
N GLU B 129 -17.54 12.85 -19.33
CA GLU B 129 -18.60 13.51 -20.07
C GLU B 129 -18.76 14.96 -19.65
N MET B 130 -18.57 15.23 -18.35
CA MET B 130 -18.66 16.58 -17.83
C MET B 130 -17.52 17.45 -18.39
N VAL B 131 -16.39 16.81 -18.65
CA VAL B 131 -15.23 17.51 -19.20
C VAL B 131 -15.56 17.89 -20.64
N ARG B 132 -16.12 16.93 -21.39
CA ARG B 132 -16.50 17.13 -22.78
C ARG B 132 -17.46 18.31 -22.92
N GLU B 133 -18.46 18.35 -22.02
CA GLU B 133 -19.45 19.41 -22.04
C GLU B 133 -18.84 20.76 -21.75
N ILE B 134 -17.88 20.81 -20.84
CA ILE B 134 -17.26 22.09 -20.51
C ILE B 134 -16.36 22.50 -21.65
N TYR B 135 -15.76 21.52 -22.31
CA TYR B 135 -14.87 21.79 -23.44
C TYR B 135 -15.66 22.55 -24.51
N PHE B 136 -16.77 21.96 -24.96
CA PHE B 136 -17.59 22.56 -26.00
C PHE B 136 -18.38 23.78 -25.54
N LYS B 137 -19.19 23.60 -24.49
CA LYS B 137 -20.01 24.70 -23.96
C LYS B 137 -19.22 25.92 -23.51
N GLU B 138 -17.92 25.76 -23.35
CA GLU B 138 -17.09 26.88 -22.91
C GLU B 138 -16.09 27.24 -24.00
N ASN B 139 -16.28 26.65 -25.19
CA ASN B 139 -15.42 26.90 -26.33
C ASN B 139 -13.94 26.79 -26.00
N CYS B 140 -13.51 25.55 -25.80
CA CYS B 140 -12.12 25.30 -25.48
C CYS B 140 -11.40 24.78 -26.72
N ASP B 141 -10.13 25.15 -26.82
CA ASP B 141 -9.31 24.75 -27.95
C ASP B 141 -8.49 23.54 -27.56
N LEU B 142 -8.15 23.48 -26.27
CA LEU B 142 -7.33 22.39 -25.80
C LEU B 142 -7.72 21.89 -24.42
N LEU B 143 -7.51 20.59 -24.24
CA LEU B 143 -7.79 19.92 -22.98
C LEU B 143 -6.51 19.24 -22.56
N ILE B 144 -5.96 19.69 -21.43
CA ILE B 144 -4.76 19.06 -20.90
C ILE B 144 -5.26 18.25 -19.71
N HIS B 145 -4.87 16.98 -19.65
CA HIS B 145 -5.34 16.10 -18.59
C HIS B 145 -4.28 15.03 -18.27
N GLY B 146 -4.63 14.11 -17.39
CA GLY B 146 -3.73 13.02 -17.04
C GLY B 146 -4.61 11.79 -16.94
N HIS B 147 -4.57 11.15 -15.78
CA HIS B 147 -5.41 9.99 -15.52
C HIS B 147 -5.17 8.73 -16.36
N VAL B 148 -5.01 8.88 -17.68
CA VAL B 148 -4.77 7.71 -18.54
C VAL B 148 -3.31 7.28 -18.47
N HIS B 149 -3.05 6.17 -17.78
CA HIS B 149 -1.68 5.69 -17.61
C HIS B 149 -1.05 5.14 -18.87
N TRP B 150 0.25 4.85 -18.79
CA TRP B 150 1.00 4.31 -19.91
C TRP B 150 0.59 2.88 -20.24
N ASN B 151 0.91 2.46 -21.46
CA ASN B 151 0.65 1.10 -21.95
C ASN B 151 1.48 0.89 -23.22
N ARG B 152 1.62 -0.37 -23.65
CA ARG B 152 2.41 -0.69 -24.84
C ARG B 152 1.72 -0.39 -26.18
N GLU B 153 0.72 0.48 -26.17
CA GLU B 153 0.00 0.83 -27.40
C GLU B 153 -0.20 2.34 -27.61
N GLY B 154 -0.86 2.99 -26.64
CA GLY B 154 -1.12 4.41 -26.74
C GLY B 154 -2.56 4.74 -26.40
N CYS B 157 -4.56 9.16 -24.76
CA CYS B 157 -5.87 9.79 -25.13
C CYS B 157 -6.61 8.98 -26.20
N ALA B 158 -7.88 9.34 -26.37
CA ALA B 158 -8.80 8.75 -27.33
C ALA B 158 -9.82 9.89 -27.42
N CYS B 159 -9.37 11.04 -26.93
CA CYS B 159 -10.16 12.26 -26.89
C CYS B 159 -10.41 12.65 -28.35
N LYS B 160 -9.65 12.00 -29.21
CA LYS B 160 -9.73 12.21 -30.65
C LYS B 160 -11.03 11.65 -31.24
N ASP B 161 -11.60 10.63 -30.61
CA ASP B 161 -12.84 10.00 -31.05
C ASP B 161 -14.04 10.92 -30.90
N TYR B 162 -13.75 12.09 -30.35
CA TYR B 162 -14.67 13.22 -30.18
C TYR B 162 -13.69 14.23 -30.80
N ARG B 163 -14.16 15.30 -31.41
CA ARG B 163 -13.15 16.17 -31.99
C ARG B 163 -12.52 17.10 -30.97
N ILE B 164 -11.93 16.45 -29.95
CA ILE B 164 -11.26 17.10 -28.83
C ILE B 164 -9.75 17.11 -29.02
N GLU B 165 -9.12 18.21 -28.62
CA GLU B 165 -7.67 18.36 -28.70
C GLU B 165 -7.12 18.15 -27.29
N CYS B 166 -6.49 17.01 -27.04
CA CYS B 166 -5.96 16.75 -25.71
C CYS B 166 -4.50 16.35 -25.66
N ILE B 167 -3.84 16.75 -24.57
CA ILE B 167 -2.44 16.41 -24.31
C ILE B 167 -2.44 15.82 -22.91
N ASN B 168 -1.93 14.59 -22.80
CA ASN B 168 -1.87 13.87 -21.52
C ASN B 168 -0.59 14.22 -20.74
N ALA B 169 -0.73 14.93 -19.62
CA ALA B 169 0.40 15.33 -18.78
C ALA B 169 0.80 14.29 -17.72
N ASN B 170 0.30 13.07 -17.87
CA ASN B 170 0.60 11.99 -16.95
C ASN B 170 2.09 11.67 -17.09
N VAL B 171 2.83 11.81 -15.98
CA VAL B 171 4.26 11.54 -15.96
C VAL B 171 4.68 10.30 -16.75
N GLU B 172 3.84 9.26 -16.73
CA GLU B 172 4.16 8.00 -17.43
C GLU B 172 4.31 8.16 -18.93
N TRP B 173 3.63 9.15 -19.50
CA TRP B 173 3.70 9.38 -20.93
C TRP B 173 4.76 10.42 -21.30
N ASN B 174 5.37 11.06 -20.31
CA ASN B 174 6.36 12.09 -20.62
C ASN B 174 7.72 11.89 -19.98
N ASP B 175 8.06 10.65 -19.65
CA ASP B 175 9.35 10.34 -19.04
C ASP B 175 9.53 11.10 -17.72
N TYR B 176 8.46 11.13 -16.93
CA TYR B 176 8.47 11.80 -15.65
C TYR B 176 9.01 13.23 -15.68
N LYS B 177 8.71 13.93 -16.76
CA LYS B 177 9.10 15.32 -16.91
C LYS B 177 7.82 16.08 -17.16
N PRO B 178 7.75 17.35 -16.74
CA PRO B 178 6.53 18.12 -16.96
C PRO B 178 6.42 18.61 -18.41
N ILE B 179 5.21 19.03 -18.81
CA ILE B 179 4.97 19.54 -20.15
C ILE B 179 4.99 21.06 -20.03
N SER B 180 5.67 21.74 -20.94
CA SER B 180 5.74 23.20 -20.88
C SER B 180 5.01 23.87 -22.03
N GLU B 181 4.89 25.19 -21.95
CA GLU B 181 4.22 25.97 -22.97
C GLU B 181 4.74 25.63 -24.36
N ARG B 182 6.06 25.48 -24.47
CA ARG B 182 6.70 25.15 -25.75
C ARG B 182 5.95 24.02 -26.44
N GLU B 183 5.37 23.12 -25.65
CA GLU B 183 4.66 22.00 -26.22
C GLU B 183 3.23 22.31 -26.62
N ILE B 184 2.68 23.39 -26.08
CA ILE B 184 1.31 23.79 -26.41
C ILE B 184 1.26 24.88 -27.48
N ASP B 185 2.32 25.68 -27.58
CA ASP B 185 2.41 26.71 -28.61
C ASP B 185 2.71 25.94 -29.88
N LYS B 186 3.21 24.72 -29.65
CA LYS B 186 3.56 23.80 -30.73
C LYS B 186 2.27 23.28 -31.36
N LEU B 187 1.14 23.68 -30.78
CA LEU B 187 -0.17 23.27 -31.26
C LEU B 187 -1.03 24.51 -31.54
N ILE B 188 -0.38 25.65 -31.70
CA ILE B 188 -1.07 26.89 -31.98
C ILE B 188 -0.68 27.37 -33.38
#